data_3DFV
#
_entry.id   3DFV
#
_cell.length_a   137.977
_cell.length_b   35.756
_cell.length_c   54.487
_cell.angle_alpha   90.000
_cell.angle_beta   113.250
_cell.angle_gamma   90.000
#
_symmetry.space_group_name_H-M   'C 1 2 1'
#
loop_
_entity.id
_entity.type
_entity.pdbx_description
1 polymer "DNA (5'-D(*DTP*DTP*DCP*DTP*DGP*DAP*DTP*DAP*DAP*DGP*DAP*DCP*DTP*DTP*DAP*DTP*DCP*DTP*DGP*DC)-3')"
2 polymer "DNA (5'-D(*DAP*DAP*DGP*DCP*DAP*DGP*DAP*DTP*DAP*DAP*DGP*DTP*DCP*DTP*DTP*DAP*DTP*DCP*DAP*DG)-3')"
3 polymer 'Trans-acting T-cell-specific transcription factor GATA-3'
4 non-polymer 'ZINC ION'
#
loop_
_entity_poly.entity_id
_entity_poly.type
_entity_poly.pdbx_seq_one_letter_code
_entity_poly.pdbx_strand_id
1 'polydeoxyribonucleotide' (DT)(DT)(DC)(DT)(DG)(DA)(DT)(DA)(DA)(DG)(DA)(DC)(DT)(DT)(DA)(DT)(DC)(DT)(DG)(DC) Y
2 'polydeoxyribonucleotide' (DA)(DA)(DG)(DC)(DA)(DG)(DA)(DT)(DA)(DA)(DG)(DT)(DC)(DT)(DT)(DA)(DT)(DC)(DA)(DG) Z
3 'polypeptide(L)' SAARRAGTSCANCQTTTTTLWRRNANGDPVCNACGLYYKLHNINRPLTMKKEGIQTRNRKMSS D,C
#
loop_
_chem_comp.id
_chem_comp.type
_chem_comp.name
_chem_comp.formula
DA DNA linking 2'-DEOXYADENOSINE-5'-MONOPHOSPHATE 'C10 H14 N5 O6 P'
DC DNA linking 2'-DEOXYCYTIDINE-5'-MONOPHOSPHATE 'C9 H14 N3 O7 P'
DG DNA linking 2'-DEOXYGUANOSINE-5'-MONOPHOSPHATE 'C10 H14 N5 O7 P'
DT DNA linking THYMIDINE-5'-MONOPHOSPHATE 'C10 H15 N2 O8 P'
ZN non-polymer 'ZINC ION' 'Zn 2'
#
# COMPACT_ATOMS: atom_id res chain seq x y z
N ARG C 4 19.04 -8.10 -12.71
CA ARG C 4 19.46 -6.74 -13.17
C ARG C 4 19.68 -6.65 -14.66
N ARG C 5 20.13 -5.49 -15.10
CA ARG C 5 20.38 -5.22 -16.51
C ARG C 5 20.83 -3.78 -16.55
N ALA C 6 21.83 -3.48 -17.37
CA ALA C 6 22.38 -2.13 -17.48
C ALA C 6 21.66 -1.16 -18.40
N GLY C 7 21.17 -0.07 -17.83
CA GLY C 7 20.47 0.92 -18.64
C GLY C 7 18.95 0.83 -18.57
N THR C 8 18.45 -0.04 -17.69
CA THR C 8 17.01 -0.26 -17.51
C THR C 8 16.54 0.07 -16.10
N SER C 9 15.50 0.90 -16.02
CA SER C 9 14.92 1.34 -14.75
C SER C 9 13.42 1.06 -14.79
N CYS C 10 12.81 0.77 -13.64
CA CYS C 10 11.36 0.51 -13.64
C CYS C 10 10.57 1.73 -14.06
N ALA C 11 9.91 1.63 -15.21
CA ALA C 11 9.13 2.74 -15.72
C ALA C 11 8.02 3.18 -14.76
N ASN C 12 7.91 2.53 -13.60
CA ASN C 12 6.92 2.96 -12.62
C ASN C 12 7.41 3.05 -11.21
N CYS C 13 8.03 2.00 -10.69
CA CYS C 13 8.50 2.06 -9.31
C CYS C 13 9.93 2.59 -9.33
N GLN C 14 10.48 2.83 -10.53
CA GLN C 14 11.88 3.26 -10.67
C GLN C 14 12.90 2.30 -10.06
N THR C 15 12.52 1.22 -9.41
CA THR C 15 13.55 0.39 -8.83
C THR C 15 14.39 -0.13 -9.99
N THR C 16 15.53 -0.72 -9.65
CA THR C 16 16.43 -1.26 -10.66
C THR C 16 17.06 -2.55 -10.13
N THR C 17 16.17 -3.43 -9.68
CA THR C 17 16.54 -4.72 -9.14
C THR C 17 15.23 -5.47 -8.94
N THR C 18 14.85 -6.28 -9.92
CA THR C 18 13.59 -7.00 -9.84
C THR C 18 13.64 -8.38 -10.47
N THR C 19 13.68 -9.41 -9.64
CA THR C 19 13.73 -10.80 -10.10
C THR C 19 13.60 -10.92 -11.60
N LEU C 20 12.41 -10.62 -12.11
CA LEU C 20 12.12 -10.71 -13.54
C LEU C 20 11.47 -9.44 -14.12
N TRP C 21 12.01 -8.88 -15.21
CA TRP C 21 11.42 -7.68 -15.79
C TRP C 21 10.27 -8.00 -16.75
N ARG C 22 9.26 -7.15 -16.75
CA ARG C 22 8.10 -7.27 -17.62
C ARG C 22 7.98 -5.96 -18.40
N ARG C 23 6.95 -5.84 -19.25
CA ARG C 23 6.78 -4.62 -20.05
C ARG C 23 5.40 -4.03 -19.87
N ASN C 24 5.32 -2.72 -19.73
CA ASN C 24 4.03 -2.06 -19.58
C ASN C 24 3.36 -2.11 -20.95
N ALA C 25 2.05 -1.86 -20.97
CA ALA C 25 1.32 -1.90 -22.23
C ALA C 25 1.81 -0.79 -23.16
N ASN C 26 3.10 -0.52 -23.13
CA ASN C 26 3.72 0.51 -23.98
C ASN C 26 5.13 0.07 -24.32
N GLY C 27 5.44 -1.19 -24.07
CA GLY C 27 6.77 -1.72 -24.36
C GLY C 27 7.88 -1.14 -23.49
N ASP C 28 7.50 -0.53 -22.38
CA ASP C 28 8.48 0.07 -21.50
C ASP C 28 8.73 -0.77 -20.25
N PRO C 29 9.98 -1.22 -20.05
CA PRO C 29 10.45 -2.04 -18.94
C PRO C 29 9.83 -1.69 -17.59
N VAL C 30 9.50 -2.72 -16.82
CA VAL C 30 8.90 -2.57 -15.50
C VAL C 30 9.29 -3.76 -14.64
N CYS C 31 9.57 -3.49 -13.38
CA CYS C 31 9.99 -4.52 -12.45
C CYS C 31 8.77 -5.34 -12.11
N ASN C 32 9.00 -6.65 -12.05
CA ASN C 32 8.01 -7.68 -11.75
C ASN C 32 6.82 -7.20 -10.95
N ALA C 33 7.06 -6.61 -9.80
CA ALA C 33 5.93 -6.15 -9.00
C ALA C 33 5.00 -5.34 -9.88
N CYS C 34 5.49 -4.19 -10.32
CA CYS C 34 4.73 -3.30 -11.16
C CYS C 34 4.03 -4.01 -12.28
N GLY C 35 4.81 -4.59 -13.18
CA GLY C 35 4.24 -5.30 -14.30
C GLY C 35 3.00 -6.10 -13.95
N LEU C 36 3.06 -6.75 -12.79
CA LEU C 36 1.95 -7.58 -12.29
C LEU C 36 0.79 -6.76 -11.81
N TYR C 37 1.10 -5.87 -10.87
CA TYR C 37 0.12 -4.99 -10.26
C TYR C 37 -0.71 -4.30 -11.33
N TYR C 38 -0.07 -3.91 -12.43
CA TYR C 38 -0.87 -3.26 -13.44
C TYR C 38 -1.77 -4.26 -14.11
N LYS C 39 -1.29 -5.47 -14.38
CA LYS C 39 -2.13 -6.45 -15.06
C LYS C 39 -3.38 -6.81 -14.28
N LEU C 40 -3.33 -6.62 -12.96
CA LEU C 40 -4.48 -6.92 -12.14
C LEU C 40 -5.36 -5.70 -11.82
N HIS C 41 -4.76 -4.52 -11.68
CA HIS C 41 -5.52 -3.33 -11.35
C HIS C 41 -5.73 -2.41 -12.55
N ASN C 42 -5.22 -2.80 -13.68
CA ASN C 42 -5.35 -2.00 -14.89
C ASN C 42 -5.11 -0.54 -14.63
N ILE C 43 -4.30 -0.27 -13.57
CA ILE C 43 -3.88 1.09 -13.16
C ILE C 43 -2.43 0.97 -12.68
N ASN C 44 -1.64 2.02 -12.84
CA ASN C 44 -0.24 1.97 -12.41
C ASN C 44 -0.11 1.44 -11.01
N ARG C 45 1.12 1.20 -10.59
CA ARG C 45 1.36 0.66 -9.27
C ARG C 45 1.61 1.74 -8.28
N PRO C 46 0.66 2.03 -7.37
CA PRO C 46 0.89 3.09 -6.38
C PRO C 46 2.31 2.95 -5.84
N LEU C 47 3.20 3.81 -6.29
CA LEU C 47 4.60 3.71 -5.88
C LEU C 47 4.82 3.78 -4.38
N THR C 48 3.86 4.33 -3.67
N THR C 48 3.84 4.31 -3.66
CA THR C 48 3.97 4.45 -2.24
CA THR C 48 3.97 4.43 -2.22
C THR C 48 4.21 3.12 -1.51
C THR C 48 4.55 3.17 -1.57
N MET C 49 3.79 2.02 -2.13
N MET C 49 3.69 2.20 -1.26
CA MET C 49 4.01 0.72 -1.52
CA MET C 49 4.10 0.95 -0.62
C MET C 49 5.30 0.16 -2.08
C MET C 49 5.29 1.20 0.32
N LYS C 50 6.15 1.08 -2.52
N LYS C 50 5.19 2.28 1.10
CA LYS C 50 7.44 0.72 -3.08
CA LYS C 50 6.25 2.66 2.05
C LYS C 50 8.29 0.17 -1.96
C LYS C 50 6.29 1.75 3.27
N LYS C 51 8.54 -1.13 -1.99
N LYS C 51 6.31 0.44 3.03
CA LYS C 51 9.35 -1.74 -0.95
CA LYS C 51 6.34 -0.56 4.08
C LYS C 51 10.83 -1.52 -1.22
C LYS C 51 7.23 -0.19 5.26
N GLU C 52 11.64 -1.60 -0.18
N GLU C 52 6.85 -0.63 6.46
CA GLU C 52 13.08 -1.40 -0.32
CA GLU C 52 7.60 -0.34 7.67
C GLU C 52 13.76 -2.60 -0.95
C GLU C 52 9.02 -0.90 7.61
N GLY C 53 14.01 -3.62 -0.14
N GLY C 53 9.24 -2.07 8.19
CA GLY C 53 14.66 -4.81 -0.66
CA GLY C 53 10.56 -2.66 8.19
C GLY C 53 13.64 -5.78 -1.23
C GLY C 53 11.28 -2.33 9.49
N ILE C 54 14.11 -6.98 -1.57
N ILE C 54 10.80 -2.92 10.59
CA ILE C 54 13.22 -8.01 -2.11
CA ILE C 54 11.38 -2.71 11.92
C ILE C 54 13.23 -9.24 -1.22
C ILE C 54 10.36 -3.26 12.93
N GLN C 55 12.05 -9.83 -1.04
N GLN C 55 9.28 -3.82 12.40
CA GLN C 55 11.91 -11.01 -0.21
CA GLN C 55 8.21 -4.37 13.23
C GLN C 55 12.15 -12.27 -1.03
C GLN C 55 8.44 -5.83 13.66
N THR C 56 12.54 -13.34 -0.34
N THR C 56 7.72 -6.24 14.71
CA THR C 56 12.74 -14.62 -1.00
CA THR C 56 7.84 -7.59 15.27
C THR C 56 11.45 -15.36 -0.71
C THR C 56 6.87 -8.60 14.68
N ARG C 57 11.36 -16.62 -1.14
N ARG C 57 7.40 -9.76 14.27
CA ARG C 57 10.13 -17.35 -0.90
CA ARG C 57 6.60 -10.83 13.70
C ARG C 57 10.40 -18.86 -0.84
C ARG C 57 5.68 -11.47 14.74
N ASN C 58 9.35 -19.64 -0.64
N ASN C 58 5.01 -12.55 14.34
CA ASN C 58 9.48 -21.10 -0.55
CA ASN C 58 4.09 -13.27 15.23
C ASN C 58 8.32 -21.85 -1.18
C ASN C 58 4.84 -14.26 16.11
N ARG C 59 8.60 -23.08 -1.59
N ARG C 59 4.11 -15.17 16.74
CA ARG C 59 7.59 -23.95 -2.20
CA ARG C 59 4.68 -16.19 17.62
C ARG C 59 7.31 -25.14 -1.30
C ARG C 59 3.71 -17.33 17.88
N ARG D 4 -20.27 3.71 12.55
CA ARG D 4 -20.59 5.03 11.91
C ARG D 4 -20.85 6.11 12.97
N ARG D 5 -21.32 7.28 12.52
CA ARG D 5 -21.60 8.39 13.42
C ARG D 5 -21.84 9.65 12.60
N ALA D 6 -22.81 10.46 13.02
CA ALA D 6 -23.20 11.70 12.32
C ALA D 6 -22.38 12.95 12.65
N GLY D 7 -21.62 13.42 11.67
CA GLY D 7 -20.79 14.60 11.83
C GLY D 7 -19.30 14.29 11.88
N THR D 8 -18.95 13.02 11.72
CA THR D 8 -17.57 12.54 11.76
C THR D 8 -17.13 11.88 10.46
N SER D 9 -15.99 12.32 9.95
CA SER D 9 -15.42 11.82 8.72
C SER D 9 -13.96 11.41 8.99
N CYS D 10 -13.45 10.41 8.27
CA CYS D 10 -12.06 10.00 8.49
C CYS D 10 -11.08 11.11 8.12
N ALA D 11 -10.39 11.63 9.13
CA ALA D 11 -9.44 12.70 8.89
C ALA D 11 -8.33 12.29 7.91
N ASN D 12 -8.38 11.06 7.40
CA ASN D 12 -7.37 10.65 6.42
C ASN D 12 -7.89 9.90 5.21
N CYS D 13 -8.67 8.84 5.39
CA CYS D 13 -9.19 8.08 4.23
C CYS D 13 -10.50 8.71 3.85
N GLN D 14 -10.96 9.49 4.79
CA GLN D 14 -12.18 10.31 4.65
C GLN D 14 -13.47 9.52 4.52
N THR D 15 -13.37 8.20 4.66
CA THR D 15 -14.52 7.32 4.60
C THR D 15 -15.34 7.72 5.82
N THR D 16 -16.57 7.20 5.88
CA THR D 16 -17.47 7.50 6.97
C THR D 16 -18.30 6.26 7.31
N THR D 17 -17.57 5.18 7.52
CA THR D 17 -18.13 3.89 7.88
C THR D 17 -16.95 3.01 8.23
N THR D 18 -16.64 2.92 9.52
CA THR D 18 -15.50 2.12 9.96
C THR D 18 -15.72 1.44 11.29
N THR D 19 -15.93 0.12 11.26
CA THR D 19 -16.14 -0.67 12.46
C THR D 19 -15.96 0.14 13.73
N LEU D 20 -14.73 0.54 14.01
CA LEU D 20 -14.39 1.28 15.21
C LEU D 20 -13.55 2.54 14.92
N TRP D 21 -13.95 3.71 15.43
CA TRP D 21 -13.16 4.92 15.18
C TRP D 21 -12.02 5.09 16.19
N ARG D 22 -10.89 5.61 15.72
CA ARG D 22 -9.71 5.88 16.54
C ARG D 22 -9.37 7.36 16.37
N ARG D 23 -8.30 7.83 17.02
CA ARG D 23 -7.92 9.24 16.92
C ARG D 23 -6.49 9.40 16.48
N ASN D 24 -6.24 10.33 15.56
CA ASN D 24 -4.87 10.58 15.11
C ASN D 24 -4.14 11.27 16.24
N ALA D 25 -2.82 11.31 16.17
CA ALA D 25 -2.04 11.94 17.22
C ALA D 25 -2.31 13.44 17.26
N ASN D 26 -3.57 13.80 17.01
CA ASN D 26 -3.99 15.20 17.03
C ASN D 26 -5.44 15.26 17.50
N GLY D 27 -5.94 14.17 18.06
CA GLY D 27 -7.30 14.13 18.55
C GLY D 27 -8.37 14.21 17.45
N ASP D 28 -7.96 13.98 16.22
CA ASP D 28 -8.89 14.04 15.11
C ASP D 28 -9.30 12.66 14.61
N PRO D 29 -10.61 12.35 14.68
CA PRO D 29 -11.25 11.10 14.27
C PRO D 29 -10.67 10.48 13.01
N VAL D 30 -10.52 9.15 13.03
CA VAL D 30 -9.96 8.38 11.94
C VAL D 30 -10.56 6.98 11.96
N CYS D 31 -10.87 6.46 10.79
CA CYS D 31 -11.46 5.15 10.66
C CYS D 31 -10.39 4.12 10.95
N ASN D 32 -10.81 3.10 11.69
CA ASN D 32 -9.99 1.98 12.12
C ASN D 32 -8.77 1.69 11.26
N ALA D 33 -8.99 1.48 9.97
CA ALA D 33 -7.85 1.21 9.12
C ALA D 33 -6.77 2.24 9.38
N CYS D 34 -7.06 3.47 8.98
CA CYS D 34 -6.15 4.58 9.16
C CYS D 34 -5.51 4.61 10.52
N GLY D 35 -6.33 4.79 11.55
CA GLY D 35 -5.82 4.84 12.89
C GLY D 35 -4.70 3.85 13.14
N LEU D 36 -4.90 2.64 12.62
CA LEU D 36 -3.93 1.54 12.78
C LEU D 36 -2.70 1.71 11.95
N TYR D 37 -2.93 1.89 10.66
CA TYR D 37 -1.88 2.07 9.69
C TYR D 37 -0.92 3.14 10.15
N TYR D 38 -1.43 4.20 10.75
CA TYR D 38 -0.49 5.21 11.18
C TYR D 38 0.30 4.72 12.39
N LYS D 39 -0.34 3.99 13.30
CA LYS D 39 0.39 3.53 14.47
C LYS D 39 1.53 2.59 14.13
N LEU D 40 1.45 1.95 12.97
CA LEU D 40 2.51 1.05 12.55
C LEU D 40 3.53 1.69 11.61
N HIS D 41 3.09 2.60 10.75
CA HIS D 41 4.00 3.24 9.80
C HIS D 41 4.35 4.67 10.18
N ASN D 42 3.75 5.17 11.24
CA ASN D 42 4.04 6.51 11.71
C ASN D 42 3.99 7.51 10.57
N ILE D 43 3.26 7.15 9.55
CA ILE D 43 3.06 8.04 8.42
C ILE D 43 1.60 7.84 8.06
N ASN D 44 0.97 8.87 7.52
CA ASN D 44 -0.44 8.77 7.15
C ASN D 44 -0.71 7.51 6.37
N ARG D 45 -1.98 7.23 6.12
CA ARG D 45 -2.37 6.04 5.40
C ARG D 45 -2.52 6.32 3.93
N PRO D 46 -1.57 5.88 3.09
CA PRO D 46 -1.70 6.14 1.65
C PRO D 46 -3.14 5.89 1.25
N LEU D 47 -3.89 6.96 1.04
CA LEU D 47 -5.30 6.82 0.71
C LEU D 47 -5.59 5.95 -0.52
N THR D 48 -4.58 5.70 -1.33
CA THR D 48 -4.75 4.90 -2.55
C THR D 48 -5.21 3.46 -2.32
N MET D 49 -4.94 2.92 -1.13
CA MET D 49 -5.36 1.56 -0.84
C MET D 49 -6.68 1.65 -0.13
N LYS D 50 -7.37 2.75 -0.40
CA LYS D 50 -8.69 2.99 0.19
C LYS D 50 -9.64 1.99 -0.41
N LYS D 51 -10.08 1.04 0.39
CA LYS D 51 -11.01 0.04 -0.09
C LYS D 51 -12.43 0.58 -0.11
N GLU D 52 -13.28 -0.02 -0.94
CA GLU D 52 -14.68 0.42 -1.04
C GLU D 52 -15.51 -0.02 0.15
N GLY D 53 -15.93 -1.28 0.13
CA GLY D 53 -16.74 -1.78 1.22
C GLY D 53 -15.86 -2.33 2.32
N ILE D 54 -16.48 -2.98 3.31
CA ILE D 54 -15.74 -3.56 4.43
C ILE D 54 -15.95 -5.07 4.49
N GLN D 55 -14.89 -5.80 4.78
CA GLN D 55 -14.95 -7.24 4.87
C GLN D 55 -15.33 -7.68 6.27
N THR D 56 -15.92 -8.87 6.37
CA THR D 56 -16.29 -9.43 7.65
C THR D 56 -15.12 -10.36 7.98
N ARG D 57 -15.20 -11.09 9.08
CA ARG D 57 -14.10 -11.97 9.42
C ARG D 57 -14.60 -13.14 10.28
N ASN D 58 -13.67 -14.02 10.68
CA ASN D 58 -14.04 -15.17 11.50
C ASN D 58 -12.98 -15.53 12.53
N ARG D 59 -13.43 -16.20 13.59
CA ARG D 59 -12.54 -16.63 14.66
C ARG D 59 -12.47 -18.15 14.72
ZN ZN E . 7.89 -1.02 -10.35
ZN ZN F . -9.15 6.32 6.89
#